data_8HV4
#
_entry.id   8HV4
#
_cell.length_a   144.722
_cell.length_b   144.722
_cell.length_c   144.722
_cell.angle_alpha   90.00
_cell.angle_beta   90.00
_cell.angle_gamma   90.00
#
_symmetry.space_group_name_H-M   'I 2 3'
#
loop_
_entity.id
_entity.type
_entity.pdbx_description
1 polymer 'Epidermal growth factor receptor'
2 non-polymer 3,6,9,12,15,18,21,24-OCTAOXAHEXACOSAN-1-OL
3 non-polymer ~{N}-pyridin-2-ylprop-2-enamide
4 non-polymer 'DIMETHYL SULFOXIDE'
5 non-polymer 'CHLORIDE ION'
6 water water
#
_entity_poly.entity_id   1
_entity_poly.type   'polypeptide(L)'
_entity_poly.pdbx_seq_one_letter_code
;GSGEAPNQALLRILKETEFKKIKVLGSGAFGTVYKGLWIPEGEKVKIPVAIKELREATSPKANKEILDEAYVMASVDNPH
VCRLLGICLTSTVQLIMQLMPFGSLLDYVREHKDNIGSQYLLNWCVQIAKGMNYLEDRRLVHRDLAARNVLVKTPQHVKI
TDFGRAKLLGAAAAEYHAEGGKVPIKWMALESILHRIYTHQSDVWSYGVTVWELMTFGSKPYDGIPASEISSILEKGERL
PQPPICTIDVYMIMVKCWMIDADSRPKFRELIIEFSKMARDPQRYLVIQGDERMHLPSPTDSNFYRALMDEEDMDDVVDA
DEYLIPQQGNS
;
_entity_poly.pdbx_strand_id   A
#
loop_
_chem_comp.id
_chem_comp.type
_chem_comp.name
_chem_comp.formula
CL non-polymer 'CHLORIDE ION' 'Cl -1'
DMS non-polymer 'DIMETHYL SULFOXIDE' 'C2 H6 O S'
MWU non-polymer ~{N}-pyridin-2-ylprop-2-enamide 'C8 H8 N2 O'
PE5 non-polymer 3,6,9,12,15,18,21,24-OCTAOXAHEXACOSAN-1-OL 'C18 H38 O9'
#
# COMPACT_ATOMS: atom_id res chain seq x y z
N GLY A 3 9.98 -13.69 25.17
CA GLY A 3 8.63 -13.24 24.73
C GLY A 3 8.67 -11.89 24.05
N GLU A 4 7.87 -11.74 22.99
CA GLU A 4 7.55 -10.43 22.31
C GLU A 4 6.59 -9.59 23.16
N ALA A 5 6.41 -8.34 22.72
CA ALA A 5 5.49 -7.34 23.27
C ALA A 5 4.04 -7.75 22.95
N PRO A 6 3.14 -7.72 23.94
CA PRO A 6 1.74 -8.04 23.66
C PRO A 6 1.10 -7.03 22.70
N ASN A 7 0.21 -7.54 21.87
CA ASN A 7 -0.53 -6.76 20.86
C ASN A 7 -1.85 -6.33 21.49
N GLN A 8 -1.88 -5.12 22.00
CA GLN A 8 -3.06 -4.58 22.71
C GLN A 8 -3.91 -3.75 21.75
N ALA A 9 -3.81 -3.97 20.44
CA ALA A 9 -4.77 -3.37 19.48
C ALA A 9 -6.20 -3.72 19.93
N LEU A 10 -7.13 -2.77 19.78
CA LEU A 10 -8.57 -2.99 20.03
C LEU A 10 -9.21 -3.43 18.72
N LEU A 11 -9.98 -4.50 18.71
CA LEU A 11 -10.81 -4.86 17.53
C LEU A 11 -12.24 -4.40 17.88
N ARG A 12 -12.74 -3.40 17.16
CA ARG A 12 -14.06 -2.80 17.40
C ARG A 12 -15.12 -3.61 16.64
N ILE A 13 -16.15 -4.11 17.31
CA ILE A 13 -17.30 -4.76 16.64
C ILE A 13 -18.39 -3.71 16.42
N LEU A 14 -18.78 -3.51 15.16
CA LEU A 14 -19.86 -2.57 14.74
C LEU A 14 -21.17 -3.34 14.40
N LYS A 15 -22.27 -2.82 14.93
CA LYS A 15 -23.67 -3.12 14.52
C LYS A 15 -23.88 -2.68 13.07
N GLU A 16 -24.62 -3.45 12.28
CA GLU A 16 -24.86 -3.16 10.84
C GLU A 16 -25.65 -1.86 10.68
N THR A 17 -26.35 -1.47 11.75
CA THR A 17 -27.24 -0.29 11.81
C THR A 17 -26.42 1.00 11.99
N GLU A 18 -25.16 0.92 12.42
CA GLU A 18 -24.24 2.06 12.59
C GLU A 18 -23.82 2.62 11.22
N PHE A 19 -24.00 1.88 10.12
CA PHE A 19 -23.47 2.35 8.82
C PHE A 19 -24.44 2.10 7.68
N LYS A 20 -24.31 2.90 6.62
CA LYS A 20 -25.16 2.94 5.40
C LYS A 20 -24.24 2.67 4.21
N LYS A 21 -24.51 1.61 3.44
CA LYS A 21 -23.90 1.41 2.09
C LYS A 21 -24.52 2.46 1.16
N ILE A 22 -23.67 3.27 0.52
CA ILE A 22 -24.08 4.37 -0.38
C ILE A 22 -24.00 3.88 -1.83
N LYS A 23 -22.95 3.13 -2.20
CA LYS A 23 -22.82 2.57 -3.57
C LYS A 23 -21.61 1.64 -3.65
N VAL A 24 -21.50 0.91 -4.75
CA VAL A 24 -20.46 -0.12 -5.03
C VAL A 24 -19.26 0.53 -5.70
N LEU A 25 -18.06 0.16 -5.27
CA LEU A 25 -16.77 0.58 -5.86
C LEU A 25 -16.14 -0.58 -6.61
N GLY A 26 -16.44 -1.84 -6.28
CA GLY A 26 -15.72 -2.99 -6.85
C GLY A 26 -16.32 -4.33 -6.44
N SER A 27 -16.20 -5.34 -7.33
CA SER A 27 -16.55 -6.78 -7.14
C SER A 27 -15.53 -7.64 -7.90
N GLY A 31 -15.28 -10.62 -2.51
CA GLY A 31 -16.68 -10.13 -2.50
C GLY A 31 -16.84 -8.75 -3.13
N THR A 32 -17.30 -7.75 -2.34
CA THR A 32 -17.75 -6.41 -2.82
C THR A 32 -17.30 -5.31 -1.85
N VAL A 33 -16.61 -4.28 -2.37
CA VAL A 33 -16.27 -3.02 -1.62
C VAL A 33 -17.35 -1.98 -1.90
N TYR A 34 -17.93 -1.39 -0.86
CA TYR A 34 -18.92 -0.28 -0.95
C TYR A 34 -18.33 1.04 -0.45
N LYS A 35 -18.71 2.18 -1.03
CA LYS A 35 -18.58 3.51 -0.38
C LYS A 35 -19.75 3.62 0.60
N GLY A 36 -19.50 4.07 1.82
CA GLY A 36 -20.59 4.28 2.77
C GLY A 36 -20.24 5.32 3.81
N LEU A 37 -21.06 5.38 4.86
CA LEU A 37 -20.95 6.34 5.97
C LEU A 37 -21.16 5.60 7.27
N TRP A 38 -20.35 5.94 8.26
CA TRP A 38 -20.41 5.23 9.56
C TRP A 38 -20.77 6.27 10.61
N ILE A 39 -21.84 6.02 11.38
CA ILE A 39 -22.04 6.79 12.62
C ILE A 39 -21.65 5.93 13.80
N PRO A 40 -20.47 6.18 14.42
CA PRO A 40 -20.13 5.54 15.67
C PRO A 40 -21.37 5.66 16.58
N GLU A 41 -21.73 4.56 17.23
CA GLU A 41 -22.89 4.50 18.16
C GLU A 41 -22.68 5.60 19.21
N GLY A 42 -23.69 6.44 19.42
CA GLY A 42 -23.72 7.41 20.52
C GLY A 42 -22.77 8.58 20.33
N GLU A 43 -22.29 8.84 19.11
CA GLU A 43 -21.41 9.99 18.78
C GLU A 43 -22.04 10.76 17.63
N LYS A 44 -21.97 12.08 17.63
CA LYS A 44 -22.58 12.94 16.58
C LYS A 44 -21.49 13.18 15.52
N VAL A 45 -21.13 12.13 14.75
CA VAL A 45 -20.11 12.16 13.65
C VAL A 45 -20.51 11.17 12.55
N LYS A 46 -20.27 11.53 11.30
CA LYS A 46 -20.44 10.69 10.09
C LYS A 46 -19.04 10.49 9.48
N ILE A 47 -18.64 9.25 9.26
CA ILE A 47 -17.26 8.95 8.82
C ILE A 47 -17.37 8.24 7.48
N PRO A 48 -16.86 8.88 6.40
CA PRO A 48 -16.78 8.24 5.10
C PRO A 48 -15.96 6.97 5.23
N VAL A 49 -16.54 5.86 4.78
CA VAL A 49 -15.91 4.52 4.92
C VAL A 49 -16.03 3.76 3.61
N ALA A 50 -15.10 2.81 3.48
CA ALA A 50 -15.11 1.68 2.53
C ALA A 50 -15.45 0.43 3.33
N ILE A 51 -16.48 -0.30 2.89
CA ILE A 51 -17.03 -1.51 3.55
C ILE A 51 -16.68 -2.68 2.64
N LYS A 52 -15.79 -3.54 3.10
CA LYS A 52 -15.34 -4.73 2.34
C LYS A 52 -16.15 -5.94 2.85
N GLU A 53 -17.13 -6.40 2.07
CA GLU A 53 -18.10 -7.46 2.47
C GLU A 53 -17.81 -8.74 1.68
N LEU A 54 -17.50 -9.86 2.34
CA LEU A 54 -17.42 -11.20 1.71
C LEU A 54 -18.76 -11.57 1.04
N ARG A 55 -18.74 -12.18 -0.16
CA ARG A 55 -19.94 -12.45 -1.00
C ARG A 55 -20.82 -13.54 -0.34
N GLU A 56 -20.37 -14.79 -0.42
CA GLU A 56 -21.03 -15.98 0.20
C GLU A 56 -20.53 -16.08 1.65
N ALA A 57 -19.22 -16.25 1.83
CA ALA A 57 -18.54 -16.49 3.13
C ALA A 57 -18.90 -17.89 3.65
N THR A 58 -19.73 -18.62 2.89
CA THR A 58 -19.98 -20.08 3.04
C THR A 58 -18.63 -20.81 2.91
N SER A 59 -17.56 -20.08 2.61
CA SER A 59 -16.16 -20.57 2.58
C SER A 59 -15.47 -20.26 3.92
N PRO A 60 -15.37 -21.25 4.85
CA PRO A 60 -14.44 -21.18 5.98
C PRO A 60 -13.02 -20.69 5.65
N LYS A 61 -12.47 -21.00 4.47
CA LYS A 61 -11.13 -20.53 4.01
C LYS A 61 -11.15 -19.00 3.92
N ALA A 62 -12.07 -18.45 3.11
CA ALA A 62 -12.23 -17.00 2.82
C ALA A 62 -12.29 -16.20 4.13
N ASN A 63 -12.99 -16.71 5.14
CA ASN A 63 -13.18 -16.07 6.48
C ASN A 63 -11.84 -15.91 7.21
N LYS A 64 -10.96 -16.92 7.20
CA LYS A 64 -9.61 -16.83 7.83
C LYS A 64 -8.82 -15.70 7.15
N GLU A 65 -8.93 -15.59 5.82
CA GLU A 65 -8.18 -14.60 5.00
C GLU A 65 -8.56 -13.19 5.44
N ILE A 66 -9.86 -12.93 5.55
CA ILE A 66 -10.39 -11.57 5.81
C ILE A 66 -10.14 -11.23 7.29
N LEU A 67 -10.16 -12.22 8.18
CA LEU A 67 -9.94 -11.90 9.60
C LEU A 67 -8.44 -11.67 9.83
N ASP A 68 -7.56 -12.29 9.04
CA ASP A 68 -6.10 -12.06 9.14
C ASP A 68 -5.83 -10.62 8.74
N GLU A 69 -6.53 -10.17 7.70
CA GLU A 69 -6.41 -8.78 7.22
C GLU A 69 -6.85 -7.85 8.37
N ALA A 70 -7.98 -8.18 8.99
CA ALA A 70 -8.57 -7.40 10.09
C ALA A 70 -7.58 -7.39 11.24
N TYR A 71 -6.99 -8.55 11.59
CA TYR A 71 -5.96 -8.64 12.64
C TYR A 71 -4.88 -7.56 12.36
N VAL A 72 -4.31 -7.53 11.15
CA VAL A 72 -3.13 -6.67 10.82
C VAL A 72 -3.52 -5.18 10.78
N MET A 73 -4.61 -4.86 10.08
CA MET A 73 -5.10 -3.47 9.93
C MET A 73 -5.49 -2.88 11.29
N ALA A 74 -5.87 -3.69 12.28
CA ALA A 74 -6.22 -3.22 13.64
C ALA A 74 -4.93 -2.89 14.42
N SER A 75 -3.85 -3.53 14.07
CA SER A 75 -2.59 -3.45 14.85
C SER A 75 -1.64 -2.42 14.22
N VAL A 76 -2.08 -1.68 13.21
CA VAL A 76 -1.25 -0.60 12.60
C VAL A 76 -1.90 0.77 12.86
N ASP A 77 -1.08 1.75 13.23
CA ASP A 77 -1.52 3.13 13.45
C ASP A 77 -0.44 4.07 12.95
N ASN A 78 -0.52 4.48 11.69
CA ASN A 78 0.47 5.39 11.07
C ASN A 78 -0.26 6.16 10.00
N PRO A 79 0.07 7.44 9.73
CA PRO A 79 -0.59 8.19 8.69
C PRO A 79 -0.41 7.62 7.27
N HIS A 80 0.49 6.66 7.05
CA HIS A 80 0.78 6.20 5.67
C HIS A 80 0.42 4.73 5.54
N VAL A 81 -0.35 4.20 6.49
CA VAL A 81 -0.94 2.82 6.40
C VAL A 81 -2.42 2.94 6.71
N CYS A 82 -3.20 2.18 5.98
CA CYS A 82 -4.66 2.02 6.15
C CYS A 82 -4.95 1.33 7.48
N ARG A 83 -5.81 1.92 8.31
CA ARG A 83 -6.24 1.25 9.58
C ARG A 83 -7.71 0.81 9.40
N LEU A 84 -8.09 -0.15 10.22
CA LEU A 84 -9.45 -0.67 10.39
C LEU A 84 -10.22 0.25 11.36
N LEU A 85 -11.43 0.62 11.02
CA LEU A 85 -12.32 1.28 12.00
C LEU A 85 -13.02 0.20 12.85
N GLY A 86 -13.35 -0.93 12.25
CA GLY A 86 -13.94 -2.06 13.00
C GLY A 86 -14.40 -3.15 12.07
N ILE A 87 -14.98 -4.21 12.63
CA ILE A 87 -15.63 -5.28 11.82
C ILE A 87 -17.10 -5.48 12.23
N CYS A 88 -17.88 -6.01 11.30
CA CYS A 88 -19.31 -6.36 11.50
C CYS A 88 -19.51 -7.84 11.21
N LEU A 89 -20.06 -8.59 12.17
CA LEU A 89 -20.18 -10.08 12.14
C LEU A 89 -21.64 -10.48 11.81
N THR A 90 -22.13 -9.98 10.69
CA THR A 90 -23.40 -10.40 10.05
C THR A 90 -23.15 -11.73 9.32
N SER A 91 -24.15 -12.32 8.65
CA SER A 91 -23.97 -13.55 7.82
C SER A 91 -22.62 -13.44 7.14
N THR A 92 -22.40 -12.30 6.48
CA THR A 92 -21.17 -11.92 5.74
C THR A 92 -20.34 -10.99 6.64
N VAL A 93 -19.10 -11.39 6.90
CA VAL A 93 -18.13 -10.55 7.66
C VAL A 93 -17.79 -9.30 6.81
N GLN A 94 -17.89 -8.12 7.40
CA GLN A 94 -17.64 -6.81 6.75
C GLN A 94 -16.47 -6.12 7.44
N LEU A 95 -15.46 -5.71 6.70
CA LEU A 95 -14.41 -4.79 7.21
C LEU A 95 -14.85 -3.35 6.92
N ILE A 96 -14.86 -2.50 7.96
CA ILE A 96 -15.11 -1.05 7.79
C ILE A 96 -13.75 -0.34 7.96
N MET A 97 -13.38 0.44 6.97
CA MET A 97 -12.13 1.22 7.00
C MET A 97 -12.39 2.60 6.40
N GLN A 98 -11.41 3.49 6.57
CA GLN A 98 -11.43 4.87 6.04
C GLN A 98 -11.62 4.75 4.54
N LEU A 99 -12.62 5.44 4.02
CA LEU A 99 -12.79 5.60 2.56
C LEU A 99 -11.55 6.28 1.99
N MET A 100 -11.00 5.74 0.91
CA MET A 100 -9.89 6.42 0.20
C MET A 100 -10.44 6.85 -1.15
N PRO A 101 -11.05 8.04 -1.24
CA PRO A 101 -11.95 8.35 -2.34
C PRO A 101 -11.29 8.37 -3.73
N PHE A 102 -10.00 8.64 -3.87
CA PHE A 102 -9.41 8.73 -5.23
C PHE A 102 -8.90 7.37 -5.73
N GLY A 103 -9.14 6.28 -4.99
CA GLY A 103 -8.81 4.92 -5.47
C GLY A 103 -7.33 4.60 -5.33
N SER A 104 -6.82 3.62 -6.08
CA SER A 104 -5.40 3.21 -5.98
C SER A 104 -4.53 4.22 -6.73
N LEU A 105 -3.30 4.37 -6.26
CA LEU A 105 -2.32 5.28 -6.90
C LEU A 105 -1.99 4.72 -8.27
N LEU A 106 -2.07 3.38 -8.46
CA LEU A 106 -1.86 2.83 -9.83
C LEU A 106 -2.87 3.43 -10.81
N ASP A 107 -4.15 3.37 -10.48
CA ASP A 107 -5.22 3.88 -11.35
C ASP A 107 -5.04 5.39 -11.43
N TYR A 108 -4.64 6.03 -10.34
CA TYR A 108 -4.59 7.52 -10.24
C TYR A 108 -3.51 8.05 -11.18
N VAL A 109 -2.36 7.39 -11.26
CA VAL A 109 -1.26 7.92 -12.12
C VAL A 109 -1.51 7.56 -13.58
N ARG A 110 -2.15 6.42 -13.83
CA ARG A 110 -2.62 6.04 -15.19
C ARG A 110 -3.58 7.11 -15.70
N GLU A 111 -4.60 7.40 -14.92
CA GLU A 111 -5.66 8.37 -15.27
C GLU A 111 -5.09 9.78 -15.35
N HIS A 112 -4.07 10.14 -14.58
CA HIS A 112 -3.69 11.58 -14.50
C HIS A 112 -2.25 11.82 -15.00
N LYS A 113 -1.68 10.94 -15.83
CA LYS A 113 -0.30 11.05 -16.38
C LYS A 113 0.04 12.52 -16.66
N ASP A 114 -0.93 13.29 -17.18
CA ASP A 114 -0.69 14.62 -17.79
C ASP A 114 -0.72 15.72 -16.71
N ASN A 115 -1.20 15.45 -15.51
CA ASN A 115 -1.35 16.53 -14.50
C ASN A 115 -0.42 16.30 -13.31
N ILE A 116 0.45 15.29 -13.36
CA ILE A 116 1.24 14.88 -12.17
C ILE A 116 2.68 15.37 -12.33
N GLY A 117 3.09 16.30 -11.48
CA GLY A 117 4.47 16.81 -11.51
C GLY A 117 5.39 16.12 -10.53
N SER A 118 6.65 16.53 -10.57
CA SER A 118 7.74 15.93 -9.78
C SER A 118 7.49 16.01 -8.25
N GLN A 119 6.98 17.12 -7.73
CA GLN A 119 6.69 17.34 -6.27
C GLN A 119 5.78 16.21 -5.77
N TYR A 120 4.68 15.94 -6.45
CA TYR A 120 3.76 14.84 -6.07
C TYR A 120 4.44 13.48 -6.19
N LEU A 121 5.16 13.17 -7.27
CA LEU A 121 5.77 11.81 -7.35
C LEU A 121 6.72 11.57 -6.17
N LEU A 122 7.60 12.49 -5.91
CA LEU A 122 8.66 12.29 -4.92
C LEU A 122 8.01 12.30 -3.52
N ASN A 123 7.03 13.15 -3.26
CA ASN A 123 6.37 13.15 -1.94
C ASN A 123 5.70 11.79 -1.75
N TRP A 124 5.12 11.23 -2.81
CA TRP A 124 4.53 9.87 -2.72
C TRP A 124 5.58 8.85 -2.32
N CYS A 125 6.75 8.90 -2.95
CA CYS A 125 7.89 7.99 -2.66
C CYS A 125 8.24 8.12 -1.18
N VAL A 126 8.25 9.36 -0.63
CA VAL A 126 8.53 9.61 0.83
C VAL A 126 7.46 8.93 1.70
N GLN A 127 6.19 9.17 1.40
CA GLN A 127 5.06 8.72 2.25
C GLN A 127 5.00 7.19 2.28
N ILE A 128 5.26 6.54 1.16
CA ILE A 128 5.27 5.06 1.07
C ILE A 128 6.50 4.56 1.85
N ALA A 129 7.63 5.24 1.76
CA ALA A 129 8.82 4.91 2.57
C ALA A 129 8.49 5.05 4.06
N LYS A 130 7.80 6.10 4.48
CA LYS A 130 7.40 6.26 5.91
C LYS A 130 6.45 5.13 6.31
N GLY A 131 5.43 4.86 5.50
CA GLY A 131 4.49 3.76 5.73
C GLY A 131 5.26 2.45 5.97
N MET A 132 6.16 2.17 5.05
CA MET A 132 6.94 0.93 5.03
C MET A 132 7.94 0.91 6.20
N ASN A 133 8.55 2.02 6.56
CA ASN A 133 9.49 2.04 7.71
C ASN A 133 8.70 1.74 8.99
N TYR A 134 7.50 2.30 9.10
CA TYR A 134 6.64 2.11 10.28
C TYR A 134 6.39 0.60 10.47
N LEU A 135 6.01 -0.08 9.40
CA LEU A 135 5.73 -1.53 9.40
C LEU A 135 6.98 -2.28 9.82
N GLU A 136 8.14 -1.83 9.38
CA GLU A 136 9.42 -2.44 9.77
C GLU A 136 9.60 -2.27 11.28
N ASP A 137 9.46 -1.05 11.78
CA ASP A 137 9.43 -0.81 13.26
C ASP A 137 8.45 -1.83 13.92
N ARG A 138 7.37 -2.22 13.26
CA ARG A 138 6.34 -3.12 13.85
C ARG A 138 6.67 -4.56 13.47
N ARG A 139 7.86 -4.83 12.92
CA ARG A 139 8.32 -6.20 12.58
C ARG A 139 7.33 -6.85 11.61
N LEU A 140 6.71 -6.05 10.76
CA LEU A 140 5.73 -6.54 9.78
C LEU A 140 6.30 -6.50 8.37
N VAL A 141 6.21 -7.63 7.69
CA VAL A 141 6.60 -7.78 6.28
C VAL A 141 5.32 -7.79 5.45
N HIS A 142 5.17 -6.85 4.49
CA HIS A 142 3.91 -6.61 3.75
C HIS A 142 3.67 -7.75 2.78
N ARG A 143 4.72 -8.02 1.98
CA ARG A 143 4.88 -9.13 0.99
C ARG A 143 4.06 -8.85 -0.27
N ASP A 144 3.46 -7.67 -0.40
CA ASP A 144 2.63 -7.40 -1.60
C ASP A 144 2.61 -5.90 -1.90
N LEU A 145 3.73 -5.20 -1.65
CA LEU A 145 3.82 -3.76 -1.96
C LEU A 145 3.89 -3.59 -3.48
N ALA A 146 3.04 -2.71 -3.98
CA ALA A 146 2.79 -2.51 -5.41
C ALA A 146 1.96 -1.25 -5.49
N ALA A 147 2.03 -0.57 -6.62
CA ALA A 147 1.35 0.72 -6.76
C ALA A 147 -0.16 0.46 -6.62
N ARG A 148 -0.68 -0.71 -7.01
CA ARG A 148 -2.11 -1.10 -6.84
C ARG A 148 -2.48 -1.13 -5.34
N ASN A 149 -1.54 -1.45 -4.46
CA ASN A 149 -1.80 -1.57 -3.00
C ASN A 149 -1.42 -0.30 -2.23
N VAL A 150 -1.40 0.85 -2.90
CA VAL A 150 -1.25 2.16 -2.22
C VAL A 150 -2.51 2.94 -2.62
N LEU A 151 -3.26 3.51 -1.65
CA LEU A 151 -4.53 4.21 -1.95
C LEU A 151 -4.35 5.69 -1.70
N VAL A 152 -5.19 6.48 -2.37
CA VAL A 152 -5.12 7.95 -2.42
C VAL A 152 -6.28 8.51 -1.56
N LYS A 153 -5.94 9.06 -0.39
CA LYS A 153 -6.94 9.78 0.44
C LYS A 153 -7.22 11.14 -0.19
N THR A 154 -6.18 11.93 -0.43
CA THR A 154 -6.11 13.10 -1.33
C THR A 154 -4.88 12.97 -2.22
N PRO A 155 -4.72 13.80 -3.27
CA PRO A 155 -3.50 13.73 -4.09
C PRO A 155 -2.21 14.00 -3.29
N GLN A 156 -2.33 14.65 -2.14
CA GLN A 156 -1.24 14.96 -1.20
C GLN A 156 -1.03 13.82 -0.18
N HIS A 157 -1.88 12.79 -0.11
CA HIS A 157 -1.86 11.88 1.07
C HIS A 157 -2.25 10.47 0.63
N VAL A 158 -1.27 9.56 0.62
CA VAL A 158 -1.44 8.13 0.23
C VAL A 158 -1.17 7.24 1.45
N LYS A 159 -1.63 6.00 1.35
CA LYS A 159 -1.58 5.00 2.44
C LYS A 159 -1.36 3.63 1.82
N ILE A 160 -0.38 2.88 2.31
CA ILE A 160 -0.28 1.43 2.02
C ILE A 160 -1.52 0.69 2.54
N THR A 161 -2.07 -0.15 1.68
CA THR A 161 -3.21 -1.03 2.01
C THR A 161 -2.87 -2.46 1.56
N ASP A 162 -3.89 -3.35 1.63
CA ASP A 162 -3.86 -4.78 1.23
C ASP A 162 -2.81 -5.54 2.04
N PHE A 163 -3.16 -5.83 3.30
CA PHE A 163 -2.36 -6.59 4.31
C PHE A 163 -2.75 -8.07 4.32
N GLY A 164 -3.55 -8.53 3.35
CA GLY A 164 -3.87 -9.97 3.10
C GLY A 164 -2.66 -10.90 3.21
N ARG A 165 -1.50 -10.54 2.63
CA ARG A 165 -0.27 -11.38 2.63
C ARG A 165 0.70 -10.94 3.73
N ALA A 166 0.35 -9.98 4.59
CA ALA A 166 1.35 -9.45 5.57
C ALA A 166 1.64 -10.51 6.62
N LYS A 167 2.91 -10.67 7.01
CA LYS A 167 3.35 -11.64 8.05
C LYS A 167 4.33 -10.95 8.99
N LEU A 168 4.44 -11.43 10.22
CA LEU A 168 5.50 -11.04 11.16
C LEU A 168 6.86 -11.62 10.71
N LEU A 169 7.95 -10.89 10.95
CA LEU A 169 9.34 -11.26 10.55
C LEU A 169 9.83 -12.39 11.47
N GLY A 170 10.54 -13.38 10.90
CA GLY A 170 10.96 -14.63 11.57
C GLY A 170 10.05 -15.79 11.23
N ALA A 174 15.03 -14.08 10.42
CA ALA A 174 14.74 -13.03 9.40
C ALA A 174 13.80 -13.61 8.33
N GLU A 175 14.27 -14.59 7.54
CA GLU A 175 13.56 -15.18 6.37
C GLU A 175 12.23 -15.80 6.82
N TYR A 176 11.09 -15.21 6.41
CA TYR A 176 9.75 -15.84 6.56
C TYR A 176 9.58 -16.91 5.47
N HIS A 177 9.01 -18.09 5.82
CA HIS A 177 8.77 -19.27 4.93
C HIS A 177 7.30 -19.32 4.47
N ALA A 178 7.06 -19.38 3.16
CA ALA A 178 5.72 -19.53 2.53
C ALA A 178 5.65 -20.90 1.83
N GLU A 179 4.49 -21.28 1.27
CA GLU A 179 4.22 -22.64 0.72
C GLU A 179 3.05 -22.66 -0.28
N GLY A 180 2.97 -21.70 -1.21
CA GLY A 180 2.09 -21.74 -2.41
C GLY A 180 1.06 -20.61 -2.48
N GLY A 181 0.44 -20.42 -3.66
CA GLY A 181 -0.61 -19.42 -3.94
C GLY A 181 -0.51 -18.86 -5.35
N LYS A 182 -1.28 -17.81 -5.68
CA LYS A 182 -1.12 -16.96 -6.91
C LYS A 182 -0.32 -15.70 -6.52
N VAL A 183 0.95 -15.57 -6.92
CA VAL A 183 1.93 -14.61 -6.31
C VAL A 183 2.38 -13.53 -7.32
N PRO A 184 2.80 -12.34 -6.81
CA PRO A 184 3.13 -11.20 -7.68
C PRO A 184 4.62 -11.20 -8.12
N ILE A 185 4.94 -12.03 -9.10
CA ILE A 185 6.34 -12.40 -9.37
C ILE A 185 7.12 -11.12 -9.67
N LYS A 186 6.52 -10.23 -10.45
CA LYS A 186 7.23 -9.09 -11.07
C LYS A 186 7.56 -8.01 -10.03
N TRP A 187 7.11 -8.18 -8.78
CA TRP A 187 7.33 -7.23 -7.66
C TRP A 187 8.27 -7.86 -6.65
N MET A 188 8.60 -9.14 -6.80
CA MET A 188 9.25 -9.90 -5.70
C MET A 188 10.76 -9.93 -5.88
N ALA A 189 11.45 -9.81 -4.74
CA ALA A 189 12.87 -10.04 -4.51
C ALA A 189 13.22 -11.40 -5.11
N LEU A 190 14.47 -11.54 -5.55
CA LEU A 190 14.95 -12.81 -6.12
C LEU A 190 14.82 -13.92 -5.06
N GLU A 191 15.32 -13.66 -3.85
CA GLU A 191 15.32 -14.63 -2.72
C GLU A 191 13.89 -15.09 -2.39
N SER A 192 12.87 -14.29 -2.72
CA SER A 192 11.44 -14.60 -2.49
C SER A 192 10.96 -15.54 -3.58
N ILE A 193 11.34 -15.29 -4.84
CA ILE A 193 10.88 -16.13 -5.98
C ILE A 193 11.52 -17.51 -5.86
N LEU A 194 12.79 -17.57 -5.48
CA LEU A 194 13.62 -18.80 -5.52
C LEU A 194 13.40 -19.63 -4.26
N HIS A 195 13.44 -19.01 -3.07
CA HIS A 195 13.50 -19.71 -1.76
C HIS A 195 12.33 -19.34 -0.85
N ARG A 196 11.32 -18.61 -1.35
CA ARG A 196 10.22 -18.04 -0.52
C ARG A 196 10.78 -17.31 0.72
N ILE A 197 11.97 -16.71 0.66
CA ILE A 197 12.50 -15.83 1.74
C ILE A 197 11.87 -14.43 1.61
N TYR A 198 11.19 -13.96 2.65
CA TYR A 198 10.59 -12.61 2.71
C TYR A 198 11.07 -11.85 3.95
N THR A 199 11.62 -10.64 3.75
CA THR A 199 12.14 -9.75 4.80
C THR A 199 11.71 -8.31 4.52
N HIS A 200 12.05 -7.41 5.42
CA HIS A 200 11.87 -5.95 5.19
C HIS A 200 12.63 -5.58 3.93
N GLN A 201 13.78 -6.23 3.71
CA GLN A 201 14.65 -6.01 2.53
C GLN A 201 14.02 -6.63 1.29
N SER A 202 13.22 -7.69 1.36
CA SER A 202 12.45 -8.12 0.17
C SER A 202 11.38 -7.06 -0.13
N ASP A 203 10.85 -6.45 0.92
CA ASP A 203 9.89 -5.31 0.81
C ASP A 203 10.58 -4.13 0.11
N VAL A 204 11.85 -3.89 0.35
CA VAL A 204 12.61 -2.80 -0.34
C VAL A 204 12.68 -3.11 -1.85
N TRP A 205 12.92 -4.36 -2.24
CA TRP A 205 12.84 -4.70 -3.68
C TRP A 205 11.49 -4.24 -4.22
N SER A 206 10.35 -4.63 -3.65
CA SER A 206 9.02 -4.26 -4.22
C SER A 206 8.77 -2.75 -4.14
N TYR A 207 9.32 -2.07 -3.13
CA TYR A 207 9.27 -0.57 -3.06
C TYR A 207 9.87 0.00 -4.37
N GLY A 208 11.07 -0.50 -4.71
CA GLY A 208 11.79 -0.26 -5.96
C GLY A 208 10.88 -0.37 -7.14
N VAL A 209 10.20 -1.51 -7.31
CA VAL A 209 9.24 -1.72 -8.44
C VAL A 209 8.11 -0.71 -8.31
N THR A 210 7.58 -0.50 -7.10
CA THR A 210 6.44 0.42 -6.93
C THR A 210 6.84 1.81 -7.46
N VAL A 211 8.03 2.25 -7.13
CA VAL A 211 8.52 3.59 -7.57
C VAL A 211 8.64 3.61 -9.11
N TRP A 212 9.08 2.51 -9.72
CA TRP A 212 9.21 2.44 -11.20
C TRP A 212 7.82 2.57 -11.83
N GLU A 213 6.77 2.04 -11.18
CA GLU A 213 5.38 2.16 -11.69
C GLU A 213 4.95 3.62 -11.67
N LEU A 214 5.22 4.32 -10.57
CA LEU A 214 4.86 5.76 -10.45
C LEU A 214 5.58 6.62 -11.50
N MET A 215 6.89 6.38 -11.68
CA MET A 215 7.82 7.21 -12.50
C MET A 215 7.52 6.88 -13.97
N THR A 216 6.94 5.72 -14.27
CA THR A 216 6.46 5.42 -15.66
C THR A 216 4.95 5.66 -15.82
N PHE A 217 4.31 6.39 -14.91
CA PHE A 217 2.85 6.68 -14.96
C PHE A 217 2.01 5.41 -15.14
N GLY A 218 2.41 4.37 -14.42
CA GLY A 218 1.67 3.10 -14.25
C GLY A 218 1.94 2.09 -15.35
N SER A 219 3.14 2.04 -15.89
CA SER A 219 3.45 0.99 -16.90
C SER A 219 3.57 -0.32 -16.16
N LYS A 220 3.50 -1.44 -16.88
CA LYS A 220 3.49 -2.80 -16.33
C LYS A 220 4.93 -3.26 -16.35
N PRO A 221 5.50 -3.66 -15.21
CA PRO A 221 6.89 -4.06 -15.17
C PRO A 221 7.11 -5.37 -15.93
N TYR A 222 8.13 -5.40 -16.77
CA TYR A 222 8.49 -6.59 -17.59
C TYR A 222 7.26 -6.97 -18.42
N ASP A 223 6.54 -5.99 -18.97
CA ASP A 223 5.31 -6.26 -19.77
C ASP A 223 5.68 -7.22 -20.92
N GLY A 224 4.82 -8.21 -21.16
CA GLY A 224 5.00 -9.25 -22.18
C GLY A 224 6.14 -10.22 -21.85
N ILE A 225 6.60 -10.28 -20.60
CA ILE A 225 7.60 -11.30 -20.17
C ILE A 225 6.90 -12.29 -19.24
N PRO A 226 6.81 -13.59 -19.60
CA PRO A 226 6.27 -14.62 -18.71
C PRO A 226 6.98 -14.67 -17.34
N ALA A 227 6.17 -14.83 -16.29
CA ALA A 227 6.60 -14.91 -14.88
C ALA A 227 7.62 -16.04 -14.68
N SER A 228 7.54 -17.11 -15.48
CA SER A 228 8.48 -18.26 -15.49
C SER A 228 9.92 -17.77 -15.74
N GLU A 229 10.07 -16.68 -16.50
CA GLU A 229 11.39 -16.19 -16.99
C GLU A 229 12.05 -15.20 -16.01
N ILE A 230 11.26 -14.57 -15.13
CA ILE A 230 11.72 -13.43 -14.28
C ILE A 230 12.95 -13.88 -13.50
N SER A 231 12.91 -15.05 -12.86
CA SER A 231 14.01 -15.52 -12.00
C SER A 231 15.33 -15.56 -12.81
N SER A 232 15.26 -15.93 -14.09
CA SER A 232 16.49 -16.15 -14.91
C SER A 232 17.03 -14.79 -15.35
N ILE A 233 16.13 -13.92 -15.83
CA ILE A 233 16.42 -12.51 -16.18
C ILE A 233 17.14 -11.84 -15.00
N LEU A 234 16.63 -12.02 -13.78
CA LEU A 234 17.21 -11.34 -12.60
C LEU A 234 18.57 -11.93 -12.30
N GLU A 235 18.69 -13.26 -12.45
CA GLU A 235 19.96 -13.97 -12.14
C GLU A 235 20.99 -13.51 -13.17
N LYS A 236 20.54 -13.27 -14.42
CA LYS A 236 21.39 -12.72 -15.53
C LYS A 236 21.73 -11.23 -15.30
N GLY A 237 21.15 -10.57 -14.27
CA GLY A 237 21.53 -9.23 -13.79
C GLY A 237 20.71 -8.12 -14.45
N GLU A 238 19.75 -8.49 -15.29
CA GLU A 238 18.80 -7.58 -15.94
C GLU A 238 17.84 -6.99 -14.88
N ARG A 239 17.48 -5.71 -15.05
CA ARG A 239 16.54 -4.98 -14.18
C ARG A 239 15.66 -4.11 -15.05
N LEU A 240 14.63 -3.53 -14.47
CA LEU A 240 13.68 -2.67 -15.19
C LEU A 240 14.46 -1.46 -15.70
N PRO A 241 14.10 -0.92 -16.89
CA PRO A 241 14.85 0.18 -17.48
C PRO A 241 14.60 1.54 -16.78
N GLN A 242 15.54 2.47 -16.92
CA GLN A 242 15.45 3.88 -16.47
C GLN A 242 14.23 4.54 -17.09
N PRO A 243 13.23 4.96 -16.30
CA PRO A 243 12.13 5.69 -16.86
C PRO A 243 12.56 7.03 -17.43
N PRO A 244 11.90 7.46 -18.53
CA PRO A 244 12.19 8.74 -19.18
C PRO A 244 12.34 9.93 -18.23
N ILE A 245 11.49 10.06 -17.21
CA ILE A 245 11.48 11.29 -16.38
C ILE A 245 12.59 11.19 -15.36
N CYS A 246 13.22 10.03 -15.18
CA CYS A 246 14.12 9.80 -14.04
C CYS A 246 15.52 10.26 -14.40
N THR A 247 16.07 11.13 -13.54
CA THR A 247 17.51 11.37 -13.44
C THR A 247 18.11 10.06 -12.98
N ILE A 248 19.38 9.90 -13.30
CA ILE A 248 20.19 8.78 -12.78
C ILE A 248 20.10 8.78 -11.24
N ASP A 249 19.97 9.92 -10.59
CA ASP A 249 19.92 10.00 -9.12
C ASP A 249 18.74 9.15 -8.59
N VAL A 250 17.58 9.36 -9.18
CA VAL A 250 16.34 8.65 -8.82
C VAL A 250 16.46 7.19 -9.25
N TYR A 251 16.96 6.92 -10.44
CA TYR A 251 17.00 5.54 -10.98
C TYR A 251 18.01 4.71 -10.20
N MET A 252 19.11 5.33 -9.79
CA MET A 252 20.16 4.61 -9.06
C MET A 252 19.61 4.12 -7.71
N ILE A 253 18.69 4.85 -7.11
CA ILE A 253 17.99 4.42 -5.87
C ILE A 253 17.13 3.20 -6.17
N MET A 254 16.32 3.28 -7.22
CA MET A 254 15.55 2.10 -7.67
C MET A 254 16.51 0.90 -7.87
N VAL A 255 17.64 1.11 -8.53
CA VAL A 255 18.56 -0.01 -8.85
C VAL A 255 19.13 -0.61 -7.56
N LYS A 256 19.46 0.17 -6.56
CA LYS A 256 20.04 -0.36 -5.31
C LYS A 256 18.99 -1.24 -4.59
N CYS A 257 17.70 -0.95 -4.76
CA CYS A 257 16.60 -1.76 -4.15
C CYS A 257 16.57 -3.13 -4.82
N TRP A 258 17.28 -3.30 -5.95
CA TRP A 258 17.19 -4.54 -6.76
C TRP A 258 18.54 -5.25 -6.78
N MET A 259 19.39 -4.94 -5.83
CA MET A 259 20.65 -5.70 -5.59
C MET A 259 20.31 -7.14 -5.18
N ILE A 260 21.14 -8.12 -5.52
CA ILE A 260 20.92 -9.54 -5.15
C ILE A 260 21.18 -9.69 -3.64
N ASP A 261 22.21 -9.04 -3.11
CA ASP A 261 22.45 -9.06 -1.65
C ASP A 261 21.39 -8.16 -1.00
N ALA A 262 20.42 -8.78 -0.31
CA ALA A 262 19.34 -8.07 0.44
C ALA A 262 19.91 -6.97 1.36
N ASP A 263 21.04 -7.19 2.05
CA ASP A 263 21.60 -6.22 3.03
C ASP A 263 22.37 -5.10 2.31
N SER A 264 22.50 -5.18 1.00
CA SER A 264 23.10 -4.08 0.19
C SER A 264 22.00 -3.10 -0.30
N ARG A 265 20.74 -3.49 -0.27
CA ARG A 265 19.60 -2.59 -0.56
C ARG A 265 19.53 -1.47 0.47
N PRO A 266 18.94 -0.30 0.15
CA PRO A 266 18.71 0.74 1.17
C PRO A 266 17.70 0.24 2.20
N LYS A 267 17.69 0.88 3.36
CA LYS A 267 16.67 0.70 4.40
C LYS A 267 15.54 1.71 4.11
N PHE A 268 14.29 1.32 4.39
CA PHE A 268 13.15 2.27 4.30
C PHE A 268 13.51 3.61 4.97
N ARG A 269 14.26 3.61 6.08
CA ARG A 269 14.55 4.91 6.75
C ARG A 269 15.43 5.76 5.82
N GLU A 270 16.31 5.09 5.07
CA GLU A 270 17.30 5.76 4.19
C GLU A 270 16.55 6.30 2.99
N LEU A 271 15.58 5.51 2.51
CA LEU A 271 14.76 5.91 1.35
C LEU A 271 13.98 7.18 1.74
N ILE A 272 13.48 7.25 2.99
CA ILE A 272 12.77 8.45 3.45
C ILE A 272 13.71 9.62 3.24
N ILE A 273 14.92 9.49 3.74
CA ILE A 273 15.92 10.59 3.73
C ILE A 273 16.22 10.94 2.28
N GLU A 274 16.52 9.95 1.42
CA GLU A 274 17.03 10.28 0.06
C GLU A 274 15.93 10.97 -0.73
N PHE A 275 14.71 10.46 -0.67
CA PHE A 275 13.56 11.05 -1.40
C PHE A 275 13.21 12.43 -0.82
N SER A 276 13.33 12.62 0.49
CA SER A 276 13.06 13.96 1.07
C SER A 276 14.09 14.95 0.52
N LYS A 277 15.36 14.57 0.47
CA LYS A 277 16.33 15.55 -0.10
C LYS A 277 15.87 15.89 -1.52
N MET A 278 15.49 14.91 -2.31
CA MET A 278 15.06 15.13 -3.72
C MET A 278 13.79 16.00 -3.75
N ALA A 279 12.89 15.80 -2.79
CA ALA A 279 11.59 16.53 -2.71
C ALA A 279 11.77 18.02 -2.45
N ARG A 280 12.87 18.44 -1.87
CA ARG A 280 13.20 19.87 -1.68
C ARG A 280 13.58 20.54 -3.00
N ASP A 281 13.93 19.78 -4.04
CA ASP A 281 14.29 20.37 -5.35
C ASP A 281 13.82 19.42 -6.43
N PRO A 282 12.49 19.23 -6.58
CA PRO A 282 11.98 18.17 -7.43
C PRO A 282 12.44 18.21 -8.89
N GLN A 283 12.57 19.40 -9.47
CA GLN A 283 12.87 19.55 -10.92
C GLN A 283 14.35 19.25 -11.17
N ARG A 284 15.15 19.16 -10.11
CA ARG A 284 16.53 18.67 -10.25
C ARG A 284 16.52 17.16 -10.42
N TYR A 285 15.47 16.47 -10.00
CA TYR A 285 15.54 15.00 -9.83
C TYR A 285 14.55 14.30 -10.75
N LEU A 286 13.52 15.01 -11.20
CA LEU A 286 12.60 14.43 -12.22
C LEU A 286 12.34 15.48 -13.29
N VAL A 287 12.37 15.06 -14.54
CA VAL A 287 12.22 16.00 -15.68
C VAL A 287 10.93 15.64 -16.39
N ILE A 288 9.90 16.44 -16.19
CA ILE A 288 8.51 16.23 -16.71
C ILE A 288 8.10 17.43 -17.57
N GLN A 289 7.66 17.18 -18.80
CA GLN A 289 7.13 18.23 -19.72
C GLN A 289 6.03 19.07 -19.04
N GLY A 290 6.22 20.38 -18.89
CA GLY A 290 5.18 21.29 -18.35
C GLY A 290 5.00 21.17 -16.84
N ASP A 291 6.02 20.72 -16.13
CA ASP A 291 5.98 20.41 -14.67
C ASP A 291 5.43 21.60 -13.89
N GLU A 292 6.08 22.77 -13.99
CA GLU A 292 5.71 23.96 -13.19
C GLU A 292 4.21 24.26 -13.35
N ARG A 293 3.63 24.00 -14.55
CA ARG A 293 2.25 24.38 -14.98
C ARG A 293 1.22 23.31 -14.56
N MET A 294 1.30 22.72 -13.36
CA MET A 294 0.45 21.53 -13.02
C MET A 294 -0.26 21.67 -11.66
N HIS A 295 -1.58 21.44 -11.67
CA HIS A 295 -2.52 21.52 -10.50
C HIS A 295 -3.37 20.25 -10.42
N LEU A 296 -3.72 19.81 -9.19
CA LEU A 296 -4.37 18.50 -8.87
C LEU A 296 -5.51 18.67 -7.82
N GLU A 312 -27.61 13.71 2.14
CA GLU A 312 -28.19 14.96 2.73
C GLU A 312 -27.08 15.73 3.46
N ASP A 313 -26.95 15.54 4.79
CA ASP A 313 -26.19 16.43 5.71
C ASP A 313 -24.73 15.95 5.76
N MET A 314 -23.81 16.77 5.23
CA MET A 314 -22.34 16.58 5.37
C MET A 314 -21.82 17.37 6.59
N ASP A 315 -22.69 17.82 7.49
CA ASP A 315 -22.36 18.83 8.54
C ASP A 315 -21.43 18.25 9.59
N ASP A 316 -21.70 17.00 9.99
CA ASP A 316 -21.02 16.29 11.11
C ASP A 316 -20.06 15.26 10.51
N VAL A 317 -19.73 15.39 9.23
CA VAL A 317 -18.72 14.52 8.58
C VAL A 317 -17.36 14.90 9.11
N VAL A 318 -16.60 13.88 9.41
CA VAL A 318 -15.20 13.96 9.91
C VAL A 318 -14.43 12.88 9.16
N ASP A 319 -13.27 13.20 8.62
CA ASP A 319 -12.40 12.14 8.03
C ASP A 319 -11.97 11.21 9.16
N ALA A 320 -11.77 9.95 8.85
CA ALA A 320 -11.38 8.92 9.84
C ALA A 320 -10.13 9.40 10.56
N ASP A 321 -9.22 10.09 9.86
CA ASP A 321 -7.92 10.55 10.42
C ASP A 321 -8.15 11.57 11.55
N GLU A 322 -9.31 12.19 11.63
CA GLU A 322 -9.65 13.12 12.74
C GLU A 322 -10.58 12.43 13.73
N TYR A 323 -10.72 11.11 13.61
CA TYR A 323 -11.61 10.32 14.48
C TYR A 323 -10.74 9.35 15.28
N LEU A 324 -10.46 9.69 16.52
CA LEU A 324 -9.50 8.99 17.39
C LEU A 324 -10.28 8.47 18.61
N ILE A 325 -10.02 7.23 18.98
CA ILE A 325 -10.58 6.61 20.21
C ILE A 325 -9.43 6.36 21.18
N PRO A 326 -9.71 6.38 22.50
CA PRO A 326 -8.67 6.22 23.54
C PRO A 326 -7.67 5.07 23.32
N GLN A 327 -6.38 5.32 23.60
CA GLN A 327 -5.27 4.32 23.45
C GLN A 327 -4.73 3.96 24.85
C48 PE5 B . -5.41 18.38 10.64
C50 PE5 B . -5.13 19.71 10.03
O1 PE5 B . -3.76 19.87 9.69
C1 PE5 B . -3.50 19.73 8.29
C2 PE5 B . -2.11 20.26 7.93
O2 PE5 B . -1.16 19.20 7.79
C3 PE5 B . 0.16 19.54 8.25
C4 PE5 B . 0.53 18.68 9.43
O3 PE5 B . 0.94 17.40 8.96
C5 PE5 B . 1.28 16.49 10.02
C6 PE5 B . 0.65 15.13 9.78
O4 PE5 B . 0.77 14.77 8.39
C7 PE5 B . 1.05 13.38 8.17
C8 PE5 B . 0.40 12.92 6.86
O5 PE5 B . 0.19 14.04 6.01
C9 PE5 B . 0.36 13.76 4.64
C10 PE5 B . 0.54 15.04 3.88
O6 PE5 B . 1.88 15.08 3.38
C11 PE5 B . 2.11 16.10 2.40
C12 PE5 B . 3.59 16.14 2.04
O7 PE5 B . 4.13 14.82 1.97
C13 PE5 B . 5.54 14.79 2.17
C14 PE5 B . 5.95 13.50 2.81
O8 PE5 B . 5.79 13.55 4.23
C15 PE5 B . 4.56 12.96 4.68
C16 PE5 B . 3.92 13.78 5.76
C1 MWU C . -6.77 2.56 3.88
C2 MWU C . -8.23 2.17 4.00
C3 MWU C . -8.77 1.43 2.81
O1 MWU C . -8.23 0.40 2.39
N1 MWU C . -9.80 2.03 2.19
C4 MWU C . -10.35 1.84 0.90
N2 MWU C . -10.88 2.95 0.34
C5 MWU C . -11.42 2.82 -0.89
C6 MWU C . -11.48 1.64 -1.59
C7 MWU C . -10.95 0.50 -0.99
C8 MWU C . -10.37 0.58 0.26
S DMS D . 9.46 2.41 -19.63
O DMS D . 8.22 3.05 -20.22
C1 DMS D . 10.90 2.97 -20.55
C2 DMS D . 9.42 0.69 -20.15
CL CL E . 9.25 15.96 2.09
CL CL F . -0.96 -12.25 10.35
CL CL G . -14.79 6.04 21.82
#